data_7ZXV
#
_entry.id   7ZXV
#
_cell.length_a   83.195
_cell.length_b   83.195
_cell.length_c   88.648
_cell.angle_alpha   90.000
_cell.angle_beta   90.000
_cell.angle_gamma   120.000
#
_symmetry.space_group_name_H-M   'P 32 2 1'
#
loop_
_entity.id
_entity.type
_entity.pdbx_description
1 polymer 'Orange carotenoid-binding protein'
2 non-polymer beta,beta-caroten-4-one
3 non-polymer "beta,beta-carotene-4,4'-dione"
4 non-polymer 'CHLORIDE ION'
5 water water
#
_entity_poly.entity_id   1
_entity_poly.type   'polypeptide(L)'
_entity_poly.pdbx_seq_one_letter_code
;MPFTIDSARGIFPNTLAADVVPATIARFSQLNAEDQLALIWFAYLEMGKTLTIAAPGAASMQLAENALKEIQAMGPLQQT
QAMCDLANRADTPLCRTYASWSPNIKLGFWYRLGELMEQGFVAPIPAGYQLSANANAVLATIQGLESGQQITVLRNAVVD
MGFTAGKDGKRIAEPVVPPQDTASRTKVSIEGVTNATVLNYMDNLNANDFDTLIELFTSDGALQPPFQRPIVGKENVLRF
FREECQNLKLIPERGVTEPAEDGFTQIKVTGKVQTPWFGGNVGMNIA(4OG)RFLLNPEGKIFFVAIDLLASPKELLNFA
R
;
_entity_poly.pdbx_strand_id   A
#
# COMPACT_ATOMS: atom_id res chain seq x y z
N PRO A 2 22.47 6.82 22.08
CA PRO A 2 21.22 6.20 22.54
C PRO A 2 20.06 6.52 21.60
N PHE A 3 20.07 5.90 20.43
CA PHE A 3 19.03 6.11 19.43
C PHE A 3 18.70 4.76 18.81
N THR A 4 17.49 4.26 19.06
CA THR A 4 17.09 2.97 18.53
C THR A 4 16.02 3.14 17.46
N ILE A 5 15.81 2.07 16.69
CA ILE A 5 14.75 2.10 15.67
C ILE A 5 13.44 2.49 16.31
N ASP A 6 13.12 1.85 17.44
CA ASP A 6 11.81 2.11 18.03
C ASP A 6 11.73 3.52 18.59
N SER A 7 12.85 4.07 19.05
CA SER A 7 12.81 5.45 19.54
C SER A 7 12.76 6.45 18.39
N ALA A 8 13.51 6.18 17.32
CA ALA A 8 13.47 7.05 16.14
C ALA A 8 12.05 7.22 15.60
N ARG A 9 11.14 6.30 15.90
CA ARG A 9 9.76 6.44 15.44
C ARG A 9 9.11 7.73 15.95
N GLY A 10 9.71 8.38 16.94
CA GLY A 10 9.12 9.55 17.56
C GLY A 10 9.59 10.88 17.03
N ILE A 11 10.48 10.91 16.04
CA ILE A 11 10.96 12.18 15.51
C ILE A 11 9.81 12.92 14.82
N PHE A 12 9.87 14.26 14.86
CA PHE A 12 8.83 15.09 14.29
C PHE A 12 7.44 14.67 14.78
N PRO A 13 7.22 14.62 16.09
CA PRO A 13 5.94 14.08 16.62
C PRO A 13 4.73 14.95 16.37
N ASN A 14 4.96 16.16 15.86
N ASN A 14 4.91 16.15 15.88
CA ASN A 14 3.91 17.07 15.43
CA ASN A 14 3.75 16.94 15.53
C ASN A 14 3.20 16.58 14.16
C ASN A 14 3.28 16.69 14.09
N THR A 15 3.77 15.62 13.45
CA THR A 15 3.31 15.23 12.14
C THR A 15 1.96 14.50 12.29
N LEU A 16 0.91 15.03 11.68
CA LEU A 16 -0.43 14.50 11.95
C LEU A 16 -0.75 13.51 10.84
N ALA A 17 -0.63 12.22 11.17
CA ALA A 17 -0.95 11.15 10.26
C ALA A 17 -2.44 10.91 10.20
N ALA A 18 -2.88 10.36 9.07
CA ALA A 18 -4.28 10.07 8.80
C ALA A 18 -4.65 8.74 9.46
N ASP A 19 -4.60 8.74 10.80
CA ASP A 19 -4.90 7.48 11.48
C ASP A 19 -6.36 7.07 11.38
N VAL A 20 -7.20 7.85 10.68
CA VAL A 20 -8.55 7.36 10.35
C VAL A 20 -8.43 6.11 9.48
N VAL A 21 -7.35 5.97 8.73
CA VAL A 21 -7.20 4.79 7.84
C VAL A 21 -7.11 3.51 8.66
N PRO A 22 -6.13 3.32 9.57
CA PRO A 22 -6.13 2.10 10.36
C PRO A 22 -7.35 1.98 11.25
N ALA A 23 -7.92 3.11 11.71
CA ALA A 23 -9.14 3.04 12.49
C ALA A 23 -10.25 2.39 11.67
N THR A 24 -10.44 2.87 10.44
CA THR A 24 -11.50 2.35 9.56
C THR A 24 -11.26 0.90 9.18
N ILE A 25 -9.99 0.50 8.94
CA ILE A 25 -9.69 -0.91 8.68
C ILE A 25 -10.09 -1.75 9.89
N ALA A 26 -9.86 -1.21 11.10
CA ALA A 26 -10.22 -2.00 12.27
C ALA A 26 -11.70 -2.20 12.36
N ARG A 27 -12.48 -1.15 12.08
CA ARG A 27 -13.94 -1.31 12.10
C ARG A 27 -14.38 -2.27 10.99
N PHE A 28 -13.82 -2.11 9.80
CA PHE A 28 -14.14 -2.95 8.66
C PHE A 28 -13.94 -4.43 8.99
N SER A 29 -12.85 -4.75 9.68
CA SER A 29 -12.46 -6.14 9.93
C SER A 29 -13.36 -6.82 10.95
N GLN A 30 -14.18 -6.05 11.68
CA GLN A 30 -15.15 -6.68 12.59
C GLN A 30 -16.36 -7.23 11.85
N LEU A 31 -16.61 -6.74 10.64
CA LEU A 31 -17.88 -6.99 9.97
C LEU A 31 -17.99 -8.43 9.52
N ASN A 32 -19.24 -8.83 9.28
CA ASN A 32 -19.53 -10.11 8.64
CA ASN A 32 -19.53 -10.11 8.64
C ASN A 32 -18.85 -10.16 7.27
N ALA A 33 -18.37 -11.36 6.90
CA ALA A 33 -17.65 -11.49 5.64
C ALA A 33 -18.49 -11.06 4.42
N GLU A 34 -19.76 -11.42 4.39
CA GLU A 34 -20.53 -11.02 3.21
C GLU A 34 -20.71 -9.52 3.18
N ASP A 35 -20.81 -8.88 4.38
CA ASP A 35 -20.84 -7.42 4.41
CA ASP A 35 -20.85 -7.42 4.42
C ASP A 35 -19.51 -6.82 3.97
N GLN A 36 -18.40 -7.47 4.32
CA GLN A 36 -17.10 -6.94 3.88
C GLN A 36 -17.04 -6.90 2.38
N LEU A 37 -17.43 -8.02 1.74
CA LEU A 37 -17.40 -8.11 0.28
C LEU A 37 -18.36 -7.11 -0.36
N ALA A 38 -19.59 -7.04 0.15
CA ALA A 38 -20.56 -6.11 -0.43
C ALA A 38 -20.10 -4.67 -0.25
N LEU A 39 -19.56 -4.35 0.94
CA LEU A 39 -19.10 -3.00 1.20
C LEU A 39 -18.02 -2.56 0.22
N ILE A 40 -17.00 -3.40 0.02
CA ILE A 40 -15.96 -3.05 -0.96
C ILE A 40 -16.54 -2.95 -2.36
N TRP A 41 -17.48 -3.85 -2.70
CA TRP A 41 -18.12 -3.79 -4.01
C TRP A 41 -18.80 -2.42 -4.23
N PHE A 42 -19.52 -1.94 -3.23
CA PHE A 42 -20.19 -0.64 -3.34
C PHE A 42 -19.14 0.50 -3.43
N ALA A 43 -18.16 0.47 -2.55
CA ALA A 43 -17.15 1.53 -2.53
C ALA A 43 -16.43 1.59 -3.86
N TYR A 44 -16.02 0.42 -4.35
CA TYR A 44 -15.30 0.28 -5.61
C TYR A 44 -16.11 0.78 -6.80
N LEU A 45 -17.41 0.44 -6.84
CA LEU A 45 -18.26 0.88 -7.92
C LEU A 45 -18.41 2.40 -7.91
N GLU A 46 -18.67 2.98 -6.74
N GLU A 46 -18.65 2.98 -6.73
CA GLU A 46 -18.94 4.41 -6.69
CA GLU A 46 -18.77 4.43 -6.65
C GLU A 46 -17.67 5.23 -6.85
C GLU A 46 -17.45 5.10 -6.98
N MET A 47 -16.51 4.69 -6.47
N MET A 47 -16.36 4.63 -6.36
CA MET A 47 -15.29 5.46 -6.73
CA MET A 47 -15.07 5.27 -6.64
C MET A 47 -14.87 5.34 -8.20
C MET A 47 -14.76 5.26 -8.13
N GLY A 48 -15.18 4.22 -8.84
CA GLY A 48 -14.89 4.07 -10.26
C GLY A 48 -15.59 5.07 -11.12
N LYS A 49 -16.61 5.73 -10.59
CA LYS A 49 -17.28 6.73 -11.41
C LYS A 49 -16.39 7.93 -11.70
N THR A 50 -15.35 8.16 -10.87
CA THR A 50 -14.46 9.30 -11.02
C THR A 50 -12.99 8.96 -10.97
N LEU A 51 -12.61 7.76 -10.52
CA LEU A 51 -11.21 7.33 -10.48
C LEU A 51 -11.03 6.09 -11.31
N THR A 52 -10.16 6.16 -12.32
CA THR A 52 -9.91 5.04 -13.21
C THR A 52 -8.68 4.25 -12.72
N ILE A 53 -8.90 3.00 -12.36
CA ILE A 53 -7.82 2.12 -11.92
C ILE A 53 -7.07 1.61 -13.13
N ALA A 54 -5.75 1.62 -13.04
CA ALA A 54 -4.92 1.07 -14.10
C ALA A 54 -5.05 -0.44 -14.14
N ALA A 55 -4.95 -1.00 -15.35
CA ALA A 55 -5.08 -2.43 -15.50
C ALA A 55 -3.90 -3.13 -14.85
N PRO A 56 -4.12 -4.31 -14.27
CA PRO A 56 -3.00 -5.06 -13.68
C PRO A 56 -1.95 -5.42 -14.72
N GLY A 57 -0.70 -5.47 -14.28
CA GLY A 57 0.37 -5.90 -15.16
C GLY A 57 0.23 -7.34 -15.62
N ALA A 58 0.72 -7.60 -16.83
CA ALA A 58 0.53 -8.91 -17.44
C ALA A 58 1.16 -10.00 -16.59
N ALA A 59 2.35 -9.72 -16.03
CA ALA A 59 3.05 -10.74 -15.26
C ALA A 59 2.28 -11.07 -14.00
N SER A 60 1.73 -10.04 -13.36
CA SER A 60 0.93 -10.25 -12.18
C SER A 60 -0.29 -11.09 -12.49
N MET A 61 -0.97 -10.77 -13.60
N MET A 61 -0.95 -10.81 -13.61
CA MET A 61 -2.13 -11.55 -14.00
CA MET A 61 -2.15 -11.58 -13.93
C MET A 61 -1.77 -13.02 -14.19
C MET A 61 -1.82 -13.03 -14.27
N GLN A 62 -0.65 -13.29 -14.86
CA GLN A 62 -0.28 -14.66 -15.13
C GLN A 62 -0.06 -15.41 -13.82
N LEU A 63 0.47 -14.72 -12.82
CA LEU A 63 0.75 -15.42 -11.56
C LEU A 63 -0.53 -15.77 -10.83
N ALA A 64 -1.59 -14.96 -11.01
CA ALA A 64 -2.89 -15.21 -10.40
C ALA A 64 -3.83 -16.05 -11.28
N GLU A 65 -3.39 -16.44 -12.48
CA GLU A 65 -4.29 -17.04 -13.47
C GLU A 65 -4.87 -18.36 -12.99
N ASN A 66 -4.03 -19.20 -12.41
CA ASN A 66 -4.46 -20.53 -12.00
C ASN A 66 -5.58 -20.43 -10.99
N ALA A 67 -5.36 -19.65 -9.93
CA ALA A 67 -6.38 -19.47 -8.92
C ALA A 67 -7.66 -18.87 -9.50
N LEU A 68 -7.52 -17.90 -10.40
CA LEU A 68 -8.70 -17.34 -11.05
C LEU A 68 -9.42 -18.38 -11.91
N LYS A 69 -8.68 -19.23 -12.56
CA LYS A 69 -9.33 -20.26 -13.39
C LYS A 69 -10.12 -21.21 -12.50
N GLU A 70 -9.55 -21.58 -11.36
CA GLU A 70 -10.20 -22.53 -10.46
C GLU A 70 -11.51 -21.98 -9.95
N ILE A 71 -11.49 -20.71 -9.54
CA ILE A 71 -12.71 -20.06 -9.08
C ILE A 71 -13.74 -20.02 -10.19
N GLN A 72 -13.29 -19.68 -11.38
CA GLN A 72 -14.22 -19.63 -12.51
C GLN A 72 -14.87 -20.97 -12.80
N ALA A 73 -14.17 -22.08 -12.57
CA ALA A 73 -14.75 -23.40 -12.84
C ALA A 73 -15.74 -23.83 -11.76
N MET A 74 -15.78 -23.13 -10.63
CA MET A 74 -16.66 -23.46 -9.53
C MET A 74 -18.10 -23.05 -9.84
N GLY A 75 -19.04 -23.72 -9.19
CA GLY A 75 -20.43 -23.34 -9.23
C GLY A 75 -20.62 -22.07 -8.44
N PRO A 76 -21.72 -21.35 -8.67
CA PRO A 76 -21.85 -20.01 -8.05
C PRO A 76 -21.73 -20.05 -6.54
N LEU A 77 -22.28 -21.07 -5.88
CA LEU A 77 -22.25 -21.07 -4.43
C LEU A 77 -20.83 -21.28 -3.91
N GLN A 78 -20.04 -22.10 -4.60
CA GLN A 78 -18.66 -22.29 -4.18
C GLN A 78 -17.82 -21.05 -4.47
N GLN A 79 -18.16 -20.32 -5.54
CA GLN A 79 -17.50 -19.05 -5.83
C GLN A 79 -17.73 -18.04 -4.70
N THR A 80 -18.98 -17.87 -4.28
CA THR A 80 -19.25 -16.99 -3.14
C THR A 80 -18.54 -17.47 -1.89
N GLN A 81 -18.50 -18.79 -1.69
CA GLN A 81 -17.85 -19.32 -0.51
C GLN A 81 -16.35 -19.08 -0.53
N ALA A 82 -15.72 -19.18 -1.71
CA ALA A 82 -14.29 -18.91 -1.78
C ALA A 82 -13.99 -17.44 -1.43
N MET A 83 -14.87 -16.52 -1.85
CA MET A 83 -14.64 -15.14 -1.51
C MET A 83 -14.83 -14.91 -0.03
N CYS A 84 -15.84 -15.54 0.56
CA CYS A 84 -16.00 -15.39 2.01
C CYS A 84 -14.82 -15.98 2.75
N ASP A 85 -14.29 -17.12 2.29
CA ASP A 85 -13.11 -17.71 2.93
C ASP A 85 -11.97 -16.71 2.94
N LEU A 86 -11.72 -16.07 1.79
CA LEU A 86 -10.67 -15.05 1.74
C LEU A 86 -10.93 -13.97 2.78
N ALA A 87 -12.15 -13.48 2.85
CA ALA A 87 -12.43 -12.31 3.73
C ALA A 87 -12.34 -12.73 5.19
N ASN A 88 -12.75 -13.95 5.48
CA ASN A 88 -12.70 -14.48 6.85
C ASN A 88 -11.32 -14.92 7.26
N ARG A 89 -10.37 -14.93 6.34
CA ARG A 89 -9.01 -15.41 6.63
C ARG A 89 -9.04 -16.88 7.04
N ALA A 90 -9.94 -17.64 6.42
CA ALA A 90 -10.05 -19.05 6.70
C ALA A 90 -8.83 -19.80 6.17
N ASP A 91 -8.59 -20.97 6.73
CA ASP A 91 -7.48 -21.82 6.33
C ASP A 91 -7.97 -22.74 5.23
N THR A 92 -7.67 -22.39 3.99
CA THR A 92 -7.97 -23.24 2.84
C THR A 92 -6.79 -23.14 1.87
N PRO A 93 -6.71 -24.07 0.91
CA PRO A 93 -5.62 -23.98 -0.06
C PRO A 93 -5.61 -22.67 -0.82
N LEU A 94 -6.76 -22.26 -1.34
CA LEU A 94 -6.82 -20.95 -2.00
C LEU A 94 -6.35 -19.87 -1.03
N CYS A 95 -6.83 -19.90 0.19
CA CYS A 95 -6.46 -18.82 1.11
C CYS A 95 -4.97 -18.80 1.40
N ARG A 96 -4.33 -19.98 1.45
CA ARG A 96 -2.88 -20.02 1.63
C ARG A 96 -2.14 -19.56 0.37
N THR A 97 -2.63 -19.93 -0.81
CA THR A 97 -2.01 -19.40 -2.03
C THR A 97 -2.11 -17.89 -2.07
N TYR A 98 -3.29 -17.38 -1.78
CA TYR A 98 -3.51 -15.93 -1.80
C TYR A 98 -2.59 -15.25 -0.81
N ALA A 99 -2.40 -15.86 0.37
CA ALA A 99 -1.55 -15.22 1.39
C ALA A 99 -0.08 -15.21 1.00
N SER A 100 0.35 -16.07 0.10
CA SER A 100 1.73 -16.07 -0.35
C SER A 100 2.02 -14.97 -1.38
N TRP A 101 0.99 -14.33 -1.91
CA TRP A 101 1.16 -13.33 -2.95
C TRP A 101 1.54 -11.96 -2.39
N SER A 102 2.28 -11.21 -3.21
CA SER A 102 2.55 -9.80 -2.91
C SER A 102 1.27 -8.97 -3.11
N PRO A 103 1.22 -7.79 -2.51
CA PRO A 103 0.02 -6.97 -2.63
C PRO A 103 -0.45 -6.78 -4.06
N ASN A 104 0.45 -6.48 -5.02
CA ASN A 104 -0.03 -6.22 -6.36
C ASN A 104 -0.70 -7.43 -6.97
N ILE A 105 -0.25 -8.64 -6.61
CA ILE A 105 -0.84 -9.84 -7.22
C ILE A 105 -2.23 -10.06 -6.63
N LYS A 106 -2.38 -9.87 -5.33
CA LYS A 106 -3.70 -9.88 -4.72
C LYS A 106 -4.62 -8.84 -5.34
N LEU A 107 -4.12 -7.63 -5.53
CA LEU A 107 -4.95 -6.58 -6.09
C LEU A 107 -5.42 -6.93 -7.51
N GLY A 108 -4.53 -7.48 -8.33
CA GLY A 108 -4.91 -7.85 -9.69
C GLY A 108 -5.88 -9.02 -9.71
N PHE A 109 -5.74 -9.92 -8.77
CA PHE A 109 -6.71 -10.99 -8.58
C PHE A 109 -8.11 -10.43 -8.39
N TRP A 110 -8.26 -9.49 -7.45
CA TRP A 110 -9.58 -8.95 -7.19
C TRP A 110 -10.08 -8.06 -8.33
N TYR A 111 -9.17 -7.34 -8.98
CA TYR A 111 -9.55 -6.52 -10.13
C TYR A 111 -10.24 -7.39 -11.16
N ARG A 112 -9.64 -8.55 -11.44
CA ARG A 112 -10.19 -9.45 -12.45
C ARG A 112 -11.50 -10.10 -11.96
N LEU A 113 -11.57 -10.49 -10.69
CA LEU A 113 -12.85 -11.01 -10.21
C LEU A 113 -13.93 -9.94 -10.32
N GLY A 114 -13.57 -8.68 -10.06
CA GLY A 114 -14.54 -7.59 -10.18
C GLY A 114 -15.10 -7.50 -11.58
N GLU A 115 -14.23 -7.62 -12.59
CA GLU A 115 -14.70 -7.56 -13.96
C GLU A 115 -15.63 -8.73 -14.25
N LEU A 116 -15.26 -9.90 -13.76
CA LEU A 116 -16.05 -11.10 -14.07
C LEU A 116 -17.39 -11.04 -13.36
N MET A 117 -17.42 -10.47 -12.14
CA MET A 117 -18.69 -10.30 -11.45
C MET A 117 -19.61 -9.32 -12.19
N GLU A 118 -19.06 -8.22 -12.70
CA GLU A 118 -19.88 -7.29 -13.47
CA GLU A 118 -19.86 -7.28 -13.49
C GLU A 118 -20.47 -7.97 -14.69
N GLN A 119 -19.69 -8.84 -15.34
CA GLN A 119 -20.11 -9.57 -16.52
CA GLN A 119 -20.12 -9.56 -16.52
C GLN A 119 -20.93 -10.82 -16.20
N GLY A 120 -21.15 -11.11 -14.93
CA GLY A 120 -21.98 -12.24 -14.54
C GLY A 120 -21.33 -13.60 -14.68
N PHE A 121 -20.03 -13.67 -14.93
CA PHE A 121 -19.34 -14.94 -15.10
C PHE A 121 -18.83 -15.51 -13.79
N VAL A 122 -18.79 -14.70 -12.76
CA VAL A 122 -18.54 -15.12 -11.38
C VAL A 122 -19.67 -14.58 -10.52
N ALA A 123 -20.10 -15.38 -9.55
CA ALA A 123 -21.25 -15.03 -8.72
C ALA A 123 -21.12 -13.60 -8.21
N PRO A 124 -22.08 -12.73 -8.46
CA PRO A 124 -21.98 -11.35 -8.01
C PRO A 124 -22.44 -11.18 -6.57
N ILE A 125 -22.24 -9.97 -6.07
CA ILE A 125 -22.90 -9.57 -4.81
C ILE A 125 -24.41 -9.63 -5.01
N PRO A 126 -25.18 -10.25 -4.12
CA PRO A 126 -26.62 -10.36 -4.34
C PRO A 126 -27.26 -9.01 -4.66
N ALA A 127 -28.22 -9.03 -5.56
CA ALA A 127 -28.91 -7.81 -5.94
C ALA A 127 -29.75 -7.28 -4.78
N GLY A 128 -29.73 -5.96 -4.60
CA GLY A 128 -30.48 -5.38 -3.50
C GLY A 128 -29.95 -5.70 -2.12
N TYR A 129 -28.74 -6.26 -2.01
CA TYR A 129 -28.12 -6.57 -0.72
C TYR A 129 -28.11 -5.33 0.17
N GLN A 130 -28.39 -5.52 1.46
CA GLN A 130 -28.42 -4.43 2.43
C GLN A 130 -27.37 -4.68 3.52
N LEU A 131 -26.47 -3.74 3.67
CA LEU A 131 -25.41 -3.85 4.66
C LEU A 131 -25.98 -3.83 6.09
N SER A 132 -25.21 -4.36 7.03
CA SER A 132 -25.52 -4.26 8.44
C SER A 132 -25.37 -2.83 8.93
N ALA A 133 -25.82 -2.61 10.16
CA ALA A 133 -25.73 -1.28 10.75
C ALA A 133 -24.29 -0.80 10.83
N ASN A 134 -23.41 -1.62 11.41
CA ASN A 134 -22.03 -1.21 11.49
C ASN A 134 -21.43 -1.02 10.11
N ALA A 135 -21.82 -1.89 9.12
CA ALA A 135 -21.20 -1.83 7.82
C ALA A 135 -21.58 -0.56 7.07
N ASN A 136 -22.84 -0.17 7.12
CA ASN A 136 -23.26 1.08 6.46
C ASN A 136 -22.47 2.26 7.00
N ALA A 137 -22.21 2.25 8.30
CA ALA A 137 -21.45 3.34 8.89
C ALA A 137 -20.00 3.30 8.43
N VAL A 138 -19.41 2.11 8.32
CA VAL A 138 -18.05 2.03 7.85
C VAL A 138 -17.95 2.54 6.43
N LEU A 139 -18.91 2.16 5.57
CA LEU A 139 -18.86 2.63 4.20
C LEU A 139 -19.04 4.14 4.14
N ALA A 140 -19.94 4.69 4.95
CA ALA A 140 -20.09 6.15 4.97
C ALA A 140 -18.76 6.80 5.35
N THR A 141 -18.07 6.25 6.34
CA THR A 141 -16.77 6.85 6.68
C THR A 141 -15.85 6.84 5.47
N ILE A 142 -15.76 5.71 4.79
CA ILE A 142 -14.83 5.58 3.66
C ILE A 142 -15.16 6.62 2.60
N GLN A 143 -16.44 6.75 2.27
CA GLN A 143 -16.86 7.67 1.22
C GLN A 143 -16.62 9.12 1.61
N GLY A 144 -16.39 9.40 2.87
CA GLY A 144 -16.07 10.76 3.26
C GLY A 144 -14.58 11.09 3.29
N LEU A 145 -13.71 10.10 3.05
CA LEU A 145 -12.29 10.35 3.08
C LEU A 145 -11.77 10.92 1.77
N GLU A 146 -10.60 11.53 1.87
CA GLU A 146 -9.85 11.91 0.66
C GLU A 146 -9.54 10.66 -0.15
N SER A 147 -9.49 10.83 -1.46
CA SER A 147 -9.25 9.70 -2.33
C SER A 147 -7.97 8.95 -1.95
N GLY A 148 -6.91 9.66 -1.56
CA GLY A 148 -5.67 8.98 -1.17
C GLY A 148 -5.87 8.05 0.01
N GLN A 149 -6.75 8.43 0.91
CA GLN A 149 -7.09 7.62 2.07
C GLN A 149 -8.02 6.48 1.70
N GLN A 150 -8.97 6.73 0.80
CA GLN A 150 -9.88 5.68 0.33
C GLN A 150 -9.11 4.53 -0.31
N ILE A 151 -8.14 4.85 -1.20
CA ILE A 151 -7.46 3.76 -1.89
C ILE A 151 -6.53 3.01 -0.94
N THR A 152 -6.03 3.70 0.10
CA THR A 152 -5.23 3.01 1.11
C THR A 152 -6.08 2.04 1.90
N VAL A 153 -7.30 2.44 2.27
CA VAL A 153 -8.20 1.52 2.96
C VAL A 153 -8.48 0.30 2.07
N LEU A 154 -8.78 0.54 0.78
CA LEU A 154 -9.06 -0.60 -0.08
C LEU A 154 -7.87 -1.55 -0.15
N ARG A 155 -6.68 -1.02 -0.42
CA ARG A 155 -5.51 -1.90 -0.57
C ARG A 155 -5.24 -2.67 0.71
N ASN A 156 -5.32 -1.99 1.87
CA ASN A 156 -5.00 -2.66 3.14
C ASN A 156 -6.01 -3.76 3.42
N ALA A 157 -7.27 -3.54 3.04
CA ALA A 157 -8.26 -4.59 3.21
C ALA A 157 -7.94 -5.79 2.30
N VAL A 158 -7.58 -5.54 1.06
CA VAL A 158 -7.18 -6.63 0.16
C VAL A 158 -5.99 -7.38 0.74
N VAL A 159 -4.97 -6.66 1.18
CA VAL A 159 -3.76 -7.34 1.65
C VAL A 159 -4.08 -8.21 2.86
N ASP A 160 -5.06 -7.79 3.67
CA ASP A 160 -5.43 -8.50 4.90
C ASP A 160 -6.07 -9.84 4.66
N MET A 161 -6.58 -10.10 3.44
CA MET A 161 -7.36 -11.31 3.21
C MET A 161 -6.46 -12.54 3.07
N GLY A 162 -7.06 -13.71 3.19
CA GLY A 162 -6.34 -14.98 3.08
C GLY A 162 -5.78 -15.46 4.41
N PHE A 163 -5.05 -16.56 4.33
CA PHE A 163 -4.53 -17.22 5.52
C PHE A 163 -3.01 -17.13 5.55
N THR A 164 -2.51 -16.10 6.22
CA THR A 164 -1.08 -15.88 6.37
C THR A 164 -0.59 -16.26 7.76
N ALA A 165 -1.37 -17.04 8.49
CA ALA A 165 -1.00 -17.40 9.85
C ALA A 165 0.25 -18.29 9.84
N GLY A 166 1.22 -17.96 10.69
CA GLY A 166 2.48 -18.67 10.74
C GLY A 166 3.12 -18.78 9.37
N LYS A 167 3.16 -17.65 8.65
CA LYS A 167 3.58 -17.62 7.25
C LYS A 167 4.83 -16.77 7.10
N ASP A 168 5.99 -17.39 7.35
CA ASP A 168 7.28 -16.89 6.89
C ASP A 168 7.87 -17.83 5.83
N GLY A 169 6.99 -18.44 5.04
CA GLY A 169 7.40 -19.38 4.01
C GLY A 169 7.53 -18.74 2.64
N LYS A 170 6.93 -19.36 1.63
CA LYS A 170 7.16 -18.94 0.26
C LYS A 170 6.42 -17.65 -0.04
N ARG A 171 7.09 -16.75 -0.74
CA ARG A 171 6.55 -15.46 -1.14
C ARG A 171 6.58 -15.40 -2.65
N ILE A 172 5.43 -15.09 -3.26
CA ILE A 172 5.32 -14.93 -4.70
C ILE A 172 5.12 -13.45 -5.00
N ALA A 173 5.95 -12.93 -5.90
CA ALA A 173 5.90 -11.51 -6.25
C ALA A 173 6.15 -11.32 -7.74
N GLU A 174 5.88 -10.11 -8.23
CA GLU A 174 6.14 -9.80 -9.62
C GLU A 174 7.65 -9.76 -9.88
N PRO A 175 8.09 -10.04 -11.11
CA PRO A 175 9.53 -9.93 -11.40
C PRO A 175 10.00 -8.48 -11.29
N VAL A 176 11.29 -8.31 -10.99
CA VAL A 176 11.82 -6.98 -10.72
C VAL A 176 12.06 -6.25 -12.05
N VAL A 177 11.47 -5.06 -12.18
CA VAL A 177 11.67 -4.30 -13.43
C VAL A 177 13.10 -3.77 -13.46
N PRO A 178 13.76 -3.69 -14.61
CA PRO A 178 15.13 -3.17 -14.63
C PRO A 178 15.14 -1.69 -14.30
N PRO A 179 16.18 -1.22 -13.59
CA PRO A 179 16.22 0.21 -13.23
C PRO A 179 16.08 1.08 -14.47
N GLN A 180 15.48 2.25 -14.27
CA GLN A 180 15.39 3.23 -15.35
C GLN A 180 16.79 3.55 -15.88
N ASP A 181 16.91 3.64 -17.20
CA ASP A 181 18.21 3.99 -17.77
C ASP A 181 18.62 5.36 -17.27
N THR A 182 19.92 5.55 -17.07
CA THR A 182 20.38 6.71 -16.33
C THR A 182 20.08 8.02 -17.07
N ALA A 183 20.05 7.98 -18.40
CA ALA A 183 19.91 9.20 -19.17
C ALA A 183 18.51 9.80 -19.10
N SER A 184 17.50 9.00 -18.81
CA SER A 184 16.13 9.48 -18.77
C SER A 184 15.61 9.75 -17.36
N ARG A 185 16.45 9.58 -16.34
CA ARG A 185 16.00 9.75 -14.97
C ARG A 185 15.78 11.22 -14.65
N THR A 186 14.72 11.50 -13.91
CA THR A 186 14.47 12.84 -13.40
C THR A 186 15.18 13.05 -12.07
N LYS A 187 15.31 14.31 -11.67
CA LYS A 187 15.92 14.67 -10.40
C LYS A 187 14.97 15.56 -9.62
N VAL A 188 14.60 15.15 -8.42
CA VAL A 188 13.65 15.93 -7.64
C VAL A 188 14.32 17.18 -7.13
N SER A 189 13.51 18.17 -6.79
CA SER A 189 13.97 19.37 -6.11
C SER A 189 13.11 19.53 -4.87
N ILE A 190 13.72 19.88 -3.75
CA ILE A 190 13.01 20.02 -2.49
C ILE A 190 13.34 21.37 -1.90
N GLU A 191 12.35 22.26 -1.82
CA GLU A 191 12.59 23.54 -1.17
C GLU A 191 13.18 23.31 0.20
N GLY A 192 14.32 23.92 0.44
CA GLY A 192 14.93 23.91 1.75
C GLY A 192 15.89 22.76 2.01
N VAL A 193 15.82 21.69 1.23
CA VAL A 193 16.56 20.46 1.49
C VAL A 193 17.51 20.19 0.34
N THR A 194 18.80 20.21 0.62
CA THR A 194 19.84 19.87 -0.33
C THR A 194 20.59 18.60 0.04
N ASN A 195 20.23 17.97 1.17
CA ASN A 195 20.91 16.78 1.63
C ASN A 195 21.00 15.72 0.53
N ALA A 196 22.21 15.22 0.33
CA ALA A 196 22.44 14.33 -0.80
C ALA A 196 21.79 12.98 -0.59
N THR A 197 21.79 12.49 0.66
CA THR A 197 21.15 11.21 0.93
C THR A 197 19.67 11.24 0.65
N VAL A 198 18.99 12.31 1.07
CA VAL A 198 17.54 12.41 0.86
C VAL A 198 17.21 12.50 -0.63
N LEU A 199 17.93 13.36 -1.35
CA LEU A 199 17.69 13.51 -2.77
C LEU A 199 17.98 12.20 -3.51
N ASN A 200 19.09 11.52 -3.15
CA ASN A 200 19.40 10.25 -3.81
C ASN A 200 18.38 9.19 -3.47
N TYR A 201 17.86 9.22 -2.25
CA TYR A 201 16.79 8.28 -1.88
C TYR A 201 15.61 8.42 -2.84
N MET A 202 15.13 9.62 -3.05
CA MET A 202 13.95 9.84 -3.88
C MET A 202 14.23 9.55 -5.34
N ASP A 203 15.37 9.99 -5.84
CA ASP A 203 15.72 9.80 -7.26
C ASP A 203 15.88 8.33 -7.60
N ASN A 204 16.50 7.57 -6.71
CA ASN A 204 16.69 6.16 -7.01
C ASN A 204 15.38 5.38 -6.93
N LEU A 205 14.52 5.69 -5.96
CA LEU A 205 13.24 5.00 -5.91
C LEU A 205 12.41 5.35 -7.15
N ASN A 206 12.42 6.62 -7.57
CA ASN A 206 11.69 7.00 -8.76
C ASN A 206 12.20 6.29 -10.01
N ALA A 207 13.44 5.78 -9.96
CA ALA A 207 14.05 5.06 -11.07
C ALA A 207 14.02 3.55 -10.87
N ASN A 208 13.39 3.05 -9.80
CA ASN A 208 13.35 1.62 -9.51
C ASN A 208 14.77 1.05 -9.33
N ASP A 209 15.70 1.87 -8.85
CA ASP A 209 17.10 1.45 -8.70
C ASP A 209 17.34 1.02 -7.26
N PHE A 210 16.81 -0.18 -6.96
CA PHE A 210 16.76 -0.63 -5.57
C PHE A 210 18.15 -1.02 -5.06
N ASP A 211 19.00 -1.53 -5.94
CA ASP A 211 20.35 -1.89 -5.50
C ASP A 211 21.13 -0.66 -5.07
N THR A 212 20.94 0.44 -5.77
CA THR A 212 21.61 1.66 -5.34
C THR A 212 20.94 2.24 -4.11
N LEU A 213 19.62 2.17 -4.07
CA LEU A 213 18.88 2.77 -2.98
C LEU A 213 19.26 2.14 -1.65
N ILE A 214 19.38 0.79 -1.62
CA ILE A 214 19.65 0.11 -0.36
C ILE A 214 21.01 0.50 0.21
N GLU A 215 21.94 0.94 -0.62
CA GLU A 215 23.26 1.27 -0.07
C GLU A 215 23.26 2.56 0.71
N LEU A 216 22.18 3.33 0.63
CA LEU A 216 22.08 4.52 1.45
C LEU A 216 21.79 4.19 2.90
N PHE A 217 21.32 2.96 3.18
CA PHE A 217 20.92 2.59 4.53
C PHE A 217 22.12 2.10 5.34
N THR A 218 22.05 2.27 6.66
CA THR A 218 22.96 1.55 7.55
C THR A 218 22.58 0.06 7.56
N SER A 219 23.56 -0.78 7.94
CA SER A 219 23.33 -2.22 7.96
C SER A 219 22.06 -2.57 8.75
N ASP A 220 21.80 -1.83 9.83
CA ASP A 220 20.70 -2.12 10.73
C ASP A 220 19.57 -1.12 10.59
N GLY A 221 19.59 -0.33 9.52
CA GLY A 221 18.61 0.72 9.31
C GLY A 221 17.25 0.14 9.02
N ALA A 222 16.25 1.01 9.09
CA ALA A 222 14.88 0.56 8.94
C ALA A 222 14.07 1.58 8.14
N LEU A 223 13.02 1.06 7.52
CA LEU A 223 12.04 1.83 6.73
C LEU A 223 10.64 1.50 7.25
N GLN A 224 9.85 2.53 7.54
CA GLN A 224 8.51 2.33 8.12
C GLN A 224 7.45 2.80 7.12
N PRO A 225 6.74 1.90 6.46
CA PRO A 225 5.68 2.31 5.55
C PRO A 225 4.51 2.87 6.31
N PRO A 226 3.56 3.53 5.62
CA PRO A 226 2.41 4.12 6.34
C PRO A 226 1.66 3.08 7.15
N PHE A 227 1.52 3.34 8.45
CA PHE A 227 0.69 2.56 9.38
C PHE A 227 1.20 1.11 9.54
N GLN A 228 2.45 0.86 9.19
N GLN A 228 2.46 0.85 9.22
CA GLN A 228 3.10 -0.44 9.39
CA GLN A 228 3.07 -0.47 9.42
C GLN A 228 4.24 -0.31 10.41
C GLN A 228 4.31 -0.34 10.28
N ARG A 229 4.69 -1.45 10.92
CA ARG A 229 5.87 -1.44 11.79
C ARG A 229 7.13 -1.28 10.93
N PRO A 230 8.23 -0.80 11.51
CA PRO A 230 9.47 -0.66 10.71
C PRO A 230 9.96 -2.01 10.18
N ILE A 231 10.44 -1.99 8.95
CA ILE A 231 11.15 -3.09 8.32
C ILE A 231 12.64 -2.88 8.58
N VAL A 232 13.29 -3.84 9.25
CA VAL A 232 14.61 -3.65 9.82
C VAL A 232 15.68 -4.45 9.09
N GLY A 233 16.74 -3.77 8.68
CA GLY A 233 17.87 -4.43 8.07
C GLY A 233 17.83 -4.42 6.56
N LYS A 234 19.01 -4.32 5.95
CA LYS A 234 19.10 -4.22 4.51
C LYS A 234 18.42 -5.38 3.79
N GLU A 235 18.66 -6.62 4.22
CA GLU A 235 18.00 -7.73 3.56
C GLU A 235 16.48 -7.51 3.49
N ASN A 236 15.85 -7.20 4.63
CA ASN A 236 14.39 -7.09 4.63
C ASN A 236 13.92 -5.87 3.87
N VAL A 237 14.64 -4.76 4.01
CA VAL A 237 14.25 -3.52 3.32
C VAL A 237 14.38 -3.70 1.80
N LEU A 238 15.42 -4.38 1.37
CA LEU A 238 15.61 -4.63 -0.07
C LEU A 238 14.52 -5.54 -0.63
N ARG A 239 14.21 -6.63 0.06
CA ARG A 239 13.08 -7.47 -0.36
C ARG A 239 11.81 -6.64 -0.49
N PHE A 240 11.53 -5.80 0.50
CA PHE A 240 10.33 -4.96 0.46
C PHE A 240 10.34 -4.06 -0.76
N PHE A 241 11.47 -3.39 -1.02
CA PHE A 241 11.60 -2.55 -2.21
C PHE A 241 11.22 -3.34 -3.46
N ARG A 242 11.86 -4.50 -3.68
CA ARG A 242 11.67 -5.23 -4.91
C ARG A 242 10.27 -5.78 -5.08
N GLU A 243 9.64 -6.19 -3.99
CA GLU A 243 8.36 -6.88 -4.06
C GLU A 243 7.16 -5.93 -4.04
N GLU A 244 7.30 -4.78 -3.43
CA GLU A 244 6.18 -3.89 -3.18
C GLU A 244 6.33 -2.44 -3.62
N CYS A 245 7.53 -1.98 -4.02
CA CYS A 245 7.73 -0.54 -4.20
C CYS A 245 8.08 -0.19 -5.63
N GLN A 246 7.60 -0.96 -6.61
CA GLN A 246 7.97 -0.71 -7.99
C GLN A 246 7.01 0.31 -8.61
N ASN A 247 7.58 1.22 -9.42
CA ASN A 247 6.87 2.14 -10.30
C ASN A 247 6.11 3.23 -9.55
N LEU A 248 6.57 3.56 -8.35
CA LEU A 248 6.04 4.72 -7.63
C LEU A 248 6.56 5.99 -8.26
N LYS A 249 5.88 7.10 -7.95
CA LYS A 249 6.34 8.43 -8.35
C LYS A 249 6.29 9.30 -7.09
N LEU A 250 7.47 9.66 -6.61
CA LEU A 250 7.61 10.52 -5.44
C LEU A 250 7.77 11.95 -5.89
N ILE A 251 6.96 12.84 -5.34
CA ILE A 251 6.98 14.24 -5.79
C ILE A 251 7.13 15.11 -4.55
N PRO A 252 8.31 15.18 -3.96
CA PRO A 252 8.49 16.00 -2.76
C PRO A 252 8.44 17.47 -3.10
N GLU A 253 8.13 18.28 -2.10
CA GLU A 253 7.91 19.70 -2.31
C GLU A 253 8.81 20.57 -1.45
N ARG A 254 8.84 20.32 -0.14
CA ARG A 254 9.65 21.16 0.73
C ARG A 254 9.97 20.41 2.03
N GLY A 255 10.98 20.90 2.74
CA GLY A 255 11.42 20.16 3.91
C GLY A 255 12.18 21.04 4.89
N VAL A 256 12.66 20.38 5.94
CA VAL A 256 13.38 21.07 7.02
C VAL A 256 14.48 20.14 7.51
N THR A 257 15.62 20.71 7.85
CA THR A 257 16.83 19.94 8.20
C THR A 257 17.27 20.39 9.59
N GLU A 258 17.48 19.42 10.49
CA GLU A 258 17.78 19.73 11.88
C GLU A 258 18.81 18.77 12.45
N PRO A 259 19.68 19.22 13.32
CA PRO A 259 20.58 18.28 14.01
C PRO A 259 19.78 17.37 14.96
N ALA A 260 20.30 16.16 15.15
CA ALA A 260 19.82 15.23 16.16
C ALA A 260 20.99 14.84 17.06
N GLU A 261 20.68 14.09 18.10
CA GLU A 261 21.72 13.74 19.07
C GLU A 261 22.81 12.89 18.41
N ASP A 262 24.05 13.17 18.81
CA ASP A 262 25.23 12.39 18.44
C ASP A 262 25.65 12.62 16.99
N GLY A 263 25.63 13.87 16.54
CA GLY A 263 26.01 14.17 15.17
C GLY A 263 25.07 13.62 14.12
N PHE A 264 23.90 13.13 14.51
CA PHE A 264 22.88 12.71 13.56
C PHE A 264 22.15 13.93 12.99
N THR A 265 21.36 13.70 11.94
CA THR A 265 20.54 14.74 11.34
C THR A 265 19.14 14.19 11.14
N GLN A 266 18.14 14.99 11.46
CA GLN A 266 16.76 14.59 11.17
C GLN A 266 16.17 15.57 10.16
N ILE A 267 15.52 15.04 9.16
CA ILE A 267 15.00 15.80 8.03
C ILE A 267 13.56 15.37 7.85
N LYS A 268 12.67 16.34 7.69
CA LYS A 268 11.28 16.03 7.34
C LYS A 268 10.95 16.72 6.01
N VAL A 269 10.33 15.98 5.10
CA VAL A 269 9.93 16.49 3.81
C VAL A 269 8.44 16.20 3.63
N THR A 270 7.73 17.11 2.99
CA THR A 270 6.33 16.84 2.67
C THR A 270 6.14 17.01 1.17
N GLY A 271 5.15 16.27 0.62
CA GLY A 271 4.86 16.36 -0.79
C GLY A 271 3.81 15.35 -1.12
N LYS A 272 3.90 14.75 -2.30
CA LYS A 272 2.89 13.81 -2.78
C LYS A 272 3.58 12.54 -3.26
N VAL A 273 2.83 11.44 -3.26
CA VAL A 273 3.27 10.20 -3.92
C VAL A 273 2.11 9.68 -4.77
N GLN A 274 2.45 9.17 -5.96
CA GLN A 274 1.47 8.56 -6.86
C GLN A 274 1.74 7.06 -6.92
N THR A 275 0.63 6.24 -6.86
CA THR A 275 0.84 4.80 -7.10
C THR A 275 0.56 4.50 -8.56
N PRO A 276 1.26 3.55 -9.15
CA PRO A 276 0.95 3.17 -10.55
C PRO A 276 -0.48 2.71 -10.76
N TRP A 277 -1.19 2.33 -9.69
CA TRP A 277 -2.58 1.90 -9.86
C TRP A 277 -3.50 3.03 -10.27
N PHE A 278 -3.11 4.27 -9.98
CA PHE A 278 -3.96 5.43 -10.24
C PHE A 278 -3.25 6.60 -10.90
N GLY A 279 -1.92 6.60 -10.93
CA GLY A 279 -1.19 7.61 -11.64
C GLY A 279 -1.48 8.98 -11.09
N GLY A 280 -1.59 9.94 -11.99
CA GLY A 280 -1.78 11.32 -11.57
C GLY A 280 -3.14 11.64 -11.05
N ASN A 281 -4.09 10.68 -11.13
CA ASN A 281 -5.45 10.92 -10.71
C ASN A 281 -5.61 10.94 -9.19
N VAL A 282 -4.68 10.37 -8.45
CA VAL A 282 -4.72 10.36 -7.00
C VAL A 282 -3.36 10.80 -6.50
N GLY A 283 -3.29 11.96 -5.86
CA GLY A 283 -2.02 12.30 -5.23
C GLY A 283 -2.14 12.13 -3.73
N MET A 284 -1.37 11.23 -3.15
CA MET A 284 -1.45 11.02 -1.72
C MET A 284 -0.57 12.06 -1.01
N ASN A 285 -1.10 12.66 0.06
CA ASN A 285 -0.33 13.62 0.87
C ASN A 285 0.61 12.84 1.78
N ILE A 286 1.90 13.08 1.66
CA ILE A 286 2.91 12.24 2.28
C ILE A 286 3.94 13.11 3.01
N ALA A 287 4.34 12.65 4.19
CA ALA A 287 5.59 13.10 4.85
C ALA A 287 6.63 11.97 4.83
N ARG A 289 10.15 11.18 7.08
CA ARG A 289 10.91 11.55 8.24
C ARG A 289 12.17 10.71 8.27
N PHE A 290 13.32 11.36 7.99
CA PHE A 290 14.63 10.71 7.86
C PHE A 290 15.42 10.96 9.13
N LEU A 291 16.12 9.92 9.60
CA LEU A 291 17.14 10.07 10.64
C LEU A 291 18.45 9.54 10.03
N LEU A 292 19.44 10.42 9.84
CA LEU A 292 20.68 10.07 9.18
C LEU A 292 21.80 10.06 10.22
N ASN A 293 22.72 9.11 10.11
CA ASN A 293 23.86 9.07 11.04
C ASN A 293 24.91 10.07 10.57
N PRO A 294 26.00 10.25 11.34
CA PRO A 294 27.01 11.26 10.96
C PRO A 294 27.56 11.09 9.56
N GLU A 295 27.63 9.88 9.06
CA GLU A 295 28.15 9.61 7.72
C GLU A 295 27.11 9.86 6.64
N GLY A 296 25.90 10.28 7.01
CA GLY A 296 24.82 10.48 6.08
C GLY A 296 24.04 9.25 5.71
N LYS A 297 24.21 8.15 6.43
CA LYS A 297 23.47 6.93 6.10
C LYS A 297 22.11 6.94 6.77
N ILE A 298 21.15 6.29 6.12
CA ILE A 298 19.78 6.27 6.63
C ILE A 298 19.70 5.26 7.76
N PHE A 299 19.58 5.75 8.99
CA PHE A 299 19.30 4.83 10.10
C PHE A 299 17.81 4.51 10.20
N PHE A 300 16.95 5.49 9.88
CA PHE A 300 15.50 5.26 9.94
C PHE A 300 14.86 6.18 8.93
N VAL A 301 13.90 5.67 8.17
CA VAL A 301 13.04 6.58 7.39
C VAL A 301 11.60 6.12 7.53
N ALA A 302 10.73 7.07 7.91
CA ALA A 302 9.31 6.81 7.98
C ALA A 302 8.61 7.55 6.84
N ILE A 303 7.61 6.88 6.28
CA ILE A 303 6.73 7.45 5.25
C ILE A 303 5.32 7.49 5.84
N ASP A 304 4.76 8.71 6.01
CA ASP A 304 3.49 8.88 6.68
C ASP A 304 2.45 9.38 5.68
N LEU A 305 1.24 8.84 5.77
CA LEU A 305 0.12 9.34 4.99
C LEU A 305 -0.49 10.43 5.87
N LEU A 306 -0.48 11.65 5.37
CA LEU A 306 -0.94 12.80 6.19
C LEU A 306 -2.44 13.01 6.24
N ALA A 307 -2.91 13.59 7.36
CA ALA A 307 -4.34 13.65 7.65
C ALA A 307 -5.13 14.45 6.65
N SER A 308 -4.50 15.44 6.05
CA SER A 308 -5.15 16.26 5.03
C SER A 308 -4.07 17.10 4.35
N PRO A 309 -4.40 17.77 3.24
CA PRO A 309 -3.42 18.70 2.64
C PRO A 309 -2.96 19.79 3.60
N LYS A 310 -3.79 20.15 4.60
CA LYS A 310 -3.41 21.20 5.52
C LYS A 310 -2.19 20.81 6.37
N GLU A 311 -1.79 19.54 6.34
CA GLU A 311 -0.62 19.06 7.06
C GLU A 311 0.65 19.12 6.22
N LEU A 312 0.53 19.39 4.92
CA LEU A 312 1.71 19.68 4.11
C LEU A 312 2.37 20.96 4.62
N LEU A 313 3.70 20.97 4.60
CA LEU A 313 4.45 22.08 5.17
C LEU A 313 4.06 23.39 4.52
N ASN A 314 3.72 24.38 5.35
CA ASN A 314 3.37 25.73 4.89
C ASN A 314 2.49 25.74 3.65
#